data_5VF1
#
_entry.id   5VF1
#
_cell.length_a   121.220
_cell.length_b   121.220
_cell.length_c   29.958
_cell.angle_alpha   90.00
_cell.angle_beta   90.00
_cell.angle_gamma   120.00
#
_symmetry.space_group_name_H-M   'P 61 2 2'
#
loop_
_entity.id
_entity.type
_entity.pdbx_description
1 polymer ORN-LYS-LEU-VAL-PHI-PHE-ALA-GLU-ORN-GLU-ALA-PHE-MEA-VAL-LEU-LYS
2 water water
#
_entity_poly.entity_id   1
_entity_poly.type   'polypeptide(L)'
_entity_poly.pdbx_seq_one_letter_code
;(ORN)KLV(PHI)FAE(ORN)EAF(MEA)VLK
;
_entity_poly.pdbx_strand_id   A,B,C,D,E,F
#
# COMPACT_ATOMS: atom_id res chain seq x y z
N ORN A 1 -8.29 -7.87 6.70
CA ORN A 1 -8.58 -8.23 5.32
CB ORN A 1 -9.99 -7.84 4.96
CG ORN A 1 -10.34 -6.36 5.15
CD ORN A 1 -11.85 -6.17 4.83
NE ORN A 1 -12.02 -5.38 3.62
C ORN A 1 -7.50 -7.59 4.34
O ORN A 1 -6.32 -7.71 4.63
H1 ORN A 1 -8.77 -8.45 7.37
H2 ORN A 1 -8.56 -6.90 6.92
H3 ORN A 1 -7.29 -7.93 6.93
HA ORN A 1 -8.45 -9.31 5.27
HB2 ORN A 1 -10.16 -8.09 3.90
HB3 ORN A 1 -10.68 -8.41 5.60
HG2 ORN A 1 -9.74 -5.75 4.46
HG3 ORN A 1 -10.14 -6.05 6.18
HD2 ORN A 1 -12.30 -7.15 4.66
HD3 ORN A 1 -12.34 -5.66 5.66
HE1 ORN A 1 -12.63 -4.57 3.71
N LYS A 2 -7.88 -7.30 3.10
CA LYS A 2 -6.90 -7.25 1.98
C LYS A 2 -6.89 -5.93 1.19
N LEU A 3 -5.68 -5.46 0.88
CA LEU A 3 -5.45 -4.42 -0.11
C LEU A 3 -5.17 -5.06 -1.46
N VAL A 4 -6.01 -4.77 -2.44
CA VAL A 4 -5.88 -5.33 -3.77
C VAL A 4 -5.82 -4.23 -4.81
N PHI A 5 -5.32 -4.60 -5.98
CA PHI A 5 -5.18 -3.72 -7.13
CB PHI A 5 -3.81 -4.01 -7.80
CG PHI A 5 -3.52 -3.21 -9.09
CD1 PHI A 5 -2.99 -1.85 -8.99
CD2 PHI A 5 -3.74 -3.78 -10.31
CE1 PHI A 5 -2.70 -1.16 -10.13
CE2 PHI A 5 -3.46 -3.07 -11.45
CZ PHI A 5 -2.93 -1.75 -11.36
I PHI A 5 -2.49 -0.73 -13.14
C PHI A 5 -6.31 -4.00 -8.04
O PHI A 5 -6.52 -5.19 -8.44
H PHI A 5 -5.00 -5.47 -6.17
HA PHI A 5 -5.21 -2.80 -6.85
HB2 PHI A 5 -3.15 -3.81 -7.18
HB3 PHI A 5 -3.77 -4.94 -8.00
HD1 PHI A 5 -2.82 -1.46 -8.13
HD2 PHI A 5 -4.11 -4.74 -10.39
HE1 PHI A 5 -2.33 -0.23 -10.07
HE2 PHI A 5 -3.61 -3.51 -12.39
N PHE A 6 -7.09 -2.98 -8.34
CA PHE A 6 -8.19 -3.11 -9.26
C PHE A 6 -7.98 -2.14 -10.42
N ALA A 7 -8.32 -2.55 -11.64
CA ALA A 7 -8.23 -1.63 -12.76
C ALA A 7 -9.36 -1.92 -13.74
N GLU A 8 -9.86 -0.87 -14.36
CA GLU A 8 -10.87 -1.00 -15.42
C GLU A 8 -10.87 0.24 -16.28
N ORN A 9 -8.49 4.30 -19.02
CA ORN A 9 -8.98 3.49 -17.89
CB ORN A 9 -8.62 2.02 -18.09
CG ORN A 9 -9.49 1.34 -19.13
CD ORN A 9 -10.89 1.08 -18.59
NE ORN A 9 -10.89 0.02 -17.63
C ORN A 9 -8.38 4.02 -16.57
O ORN A 9 -7.55 4.93 -16.58
H2 ORN A 9 -8.51 5.30 -18.83
H ORN A 9 -9.04 4.17 -19.87
H3 ORN A 9 -7.53 4.09 -19.27
HA ORN A 9 -10.06 3.66 -17.85
HB2 ORN A 9 -7.56 1.91 -18.38
HB3 ORN A 9 -8.80 1.49 -17.13
HG2 ORN A 9 -9.55 1.98 -20.02
HG3 ORN A 9 -9.04 0.38 -19.41
HD2 ORN A 9 -11.55 0.79 -19.42
HD3 ORN A 9 -11.26 2.00 -18.11
HE1 ORN A 9 -10.88 -0.92 -18.02
N GLU A 10 -8.85 3.42 -15.43
CA GLU A 10 -8.38 3.82 -14.10
C GLU A 10 -7.98 2.64 -13.22
N ALA A 11 -7.07 2.91 -12.27
CA ALA A 11 -6.58 1.90 -11.36
C ALA A 11 -6.46 2.48 -9.95
N PHE A 12 -6.69 1.63 -8.95
CA PHE A 12 -6.60 2.00 -7.55
C PHE A 12 -6.14 0.80 -6.70
C1 MEA A 13 -5.04 2.32 -5.14
N MEA A 13 -5.45 1.03 -5.57
CA MEA A 13 -5.32 -0.03 -4.58
C MEA A 13 -6.59 0.14 -3.70
O MEA A 13 -6.89 1.23 -3.17
CB MEA A 13 -4.09 -0.01 -3.74
CG MEA A 13 -2.85 -0.47 -4.56
CD1 MEA A 13 -2.02 0.43 -5.21
CE1 MEA A 13 -0.91 -0.01 -5.92
CZ MEA A 13 -0.62 -1.38 -6.00
CE2 MEA A 13 -1.46 -2.30 -5.35
CD2 MEA A 13 -2.55 -1.85 -4.65
HC1 MEA A 13 -4.81 2.88 -5.94
HC2 MEA A 13 -4.24 2.24 -4.57
HC3 MEA A 13 -5.78 2.76 -4.64
HA MEA A 13 -5.36 -0.90 -5.03
HB1 MEA A 13 -4.20 -0.62 -2.97
HB2 MEA A 13 -3.93 0.90 -3.40
HD1 MEA A 13 -2.21 1.39 -5.15
HE1 MEA A 13 -0.32 0.64 -6.37
HZ MEA A 13 0.17 -1.70 -6.51
HE2 MEA A 13 -1.27 -3.25 -5.40
HD2 MEA A 13 -2.98 -2.65 -4.28
N VAL A 14 -7.38 -0.93 -3.58
CA VAL A 14 -8.62 -0.86 -2.83
C VAL A 14 -8.52 -1.78 -1.63
N LEU A 15 -9.08 -1.29 -0.52
CA LEU A 15 -9.05 -2.02 0.75
C LEU A 15 -10.41 -2.68 0.93
N LYS A 16 -10.39 -4.00 1.07
CA LYS A 16 -11.61 -4.78 1.26
C LYS A 16 -11.39 -5.71 2.45
N ORN B 1 -2.06 -6.67 -0.80
CA ORN B 1 -1.80 -7.75 0.16
CB ORN B 1 -0.31 -7.92 0.38
CG ORN B 1 0.42 -6.63 0.75
CD ORN B 1 1.88 -6.92 1.02
NE ORN B 1 2.16 -6.66 2.40
C ORN B 1 -2.58 -7.47 1.51
O ORN B 1 -3.67 -6.91 1.46
H1 ORN B 1 -1.81 -6.92 -1.77
H2 ORN B 1 -3.03 -6.38 -0.84
H3 ORN B 1 -1.53 -5.81 -0.61
HA ORN B 1 -2.25 -8.64 -0.28
HB2 ORN B 1 -0.16 -8.63 1.20
HB3 ORN B 1 0.13 -8.29 -0.55
HG2 ORN B 1 0.33 -5.91 -0.08
HG3 ORN B 1 -0.04 -6.20 1.64
HD2 ORN B 1 2.50 -6.29 0.39
HD3 ORN B 1 2.06 -7.98 0.83
HE1 ORN B 1 2.83 -5.91 2.57
N LYS B 2 -2.11 -7.98 2.64
CA LYS B 2 -3.03 -8.22 3.77
C LYS B 2 -2.86 -7.20 4.89
N LEU B 3 -3.99 -6.72 5.41
CA LEU B 3 -3.99 -5.84 6.58
C LEU B 3 -4.11 -6.72 7.82
N VAL B 4 -3.07 -6.75 8.63
CA VAL B 4 -3.03 -7.72 9.72
C VAL B 4 -2.94 -7.02 11.07
N PHI B 5 -3.64 -7.62 12.02
CA PHI B 5 -3.52 -7.30 13.44
CB PHI B 5 -4.73 -7.90 14.20
CG PHI B 5 -4.69 -7.66 15.72
CD1 PHI B 5 -5.41 -6.54 16.31
CD2 PHI B 5 -4.00 -8.54 16.54
CE1 PHI B 5 -5.40 -6.36 17.67
CE2 PHI B 5 -3.99 -8.36 17.90
CZ PHI B 5 -4.70 -7.24 18.47
I PHI B 5 -4.67 -6.97 20.57
C PHI B 5 -2.21 -7.85 13.92
O PHI B 5 -1.89 -9.06 13.69
H PHI B 5 -4.27 -8.31 11.89
HA PHI B 5 -3.51 -6.34 13.56
HB2 PHI B 5 -5.50 -7.52 13.86
HB3 PHI B 5 -4.75 -8.84 14.03
HD1 PHI B 5 -5.89 -5.93 15.75
HD2 PHI B 5 -3.50 -9.35 16.13
HE1 PHI B 5 -5.88 -5.58 18.07
HE2 PHI B 5 -3.46 -9.02 18.52
N PHE B 6 -1.46 -7.01 14.59
CA PHE B 6 -0.09 -7.35 14.98
C PHE B 6 0.20 -6.82 16.38
N ALA B 7 0.89 -7.62 17.19
CA ALA B 7 1.24 -7.22 18.56
C ALA B 7 2.64 -7.71 18.87
N GLU B 8 3.44 -6.84 19.51
CA GLU B 8 4.76 -7.21 20.04
C GLU B 8 5.08 -6.44 21.32
N ORN B 9 1.10 -4.64 26.22
CA ORN B 9 2.21 -4.21 25.30
CB ORN B 9 2.89 -5.46 24.67
CG ORN B 9 4.25 -5.17 24.00
CD ORN B 9 5.10 -6.46 23.79
NE ORN B 9 4.83 -7.09 22.50
C ORN B 9 1.68 -3.20 24.22
O ORN B 9 1.20 -2.12 24.56
H2 ORN B 9 0.47 -5.33 25.80
H ORN B 9 0.50 -3.86 26.51
H3 ORN B 9 1.43 -5.06 27.09
HA ORN B 9 2.91 -3.67 25.93
HB2 ORN B 9 3.07 -6.19 25.47
HB3 ORN B 9 2.22 -5.89 23.91
HG2 ORN B 9 4.07 -4.71 23.02
HG3 ORN B 9 4.82 -4.47 24.62
HD2 ORN B 9 4.84 -7.17 24.59
HD3 ORN B 9 6.15 -6.19 23.84
HE1 ORN B 9 4.45 -8.03 22.54
N GLU B 10 1.78 -3.57 22.90
CA GLU B 10 1.32 -2.68 21.85
C GLU B 10 0.82 -3.43 20.61
N ALA B 11 -0.33 -3.02 20.10
CA ALA B 11 -0.95 -3.63 18.93
C ALA B 11 -1.20 -2.58 17.85
N PHE B 12 -1.05 -3.01 16.60
CA PHE B 12 -1.19 -2.14 15.43
C PHE B 12 -1.77 -2.90 14.24
C1 MEA B 13 -2.54 -0.79 13.30
N MEA B 13 -2.47 -2.22 13.32
CA MEA B 13 -2.76 -2.87 12.05
C MEA B 13 -1.56 -2.58 11.12
O MEA B 13 -1.16 -1.40 10.95
CB MEA B 13 -4.00 -2.46 11.37
CG MEA B 13 -5.23 -2.86 12.21
CD1 MEA B 13 -6.00 -1.86 12.81
CE1 MEA B 13 -7.11 -2.22 13.58
CZ MEA B 13 -7.45 -3.57 13.72
CE2 MEA B 13 -6.67 -4.57 13.12
CD2 MEA B 13 -5.58 -4.22 12.37
HC1 MEA B 13 -2.69 -0.45 14.22
HC2 MEA B 13 -1.70 -0.42 12.95
HC3 MEA B 13 -3.30 -0.51 12.71
HA MEA B 13 -2.79 -3.84 12.20
HB1 MEA B 13 -4.05 -2.92 10.50
HB2 MEA B 13 -3.99 -1.48 11.22
HD1 MEA B 13 -5.76 -0.93 12.71
HE1 MEA B 13 -7.66 -1.53 14.01
HZ MEA B 13 -8.25 -3.83 14.27
HE2 MEA B 13 -6.92 -5.50 13.22
HD2 MEA B 13 -5.19 -5.05 12.04
N VAL B 14 -0.98 -3.63 10.54
CA VAL B 14 0.12 -3.45 9.60
C VAL B 14 -0.27 -4.07 8.27
N LEU B 15 0.13 -3.39 7.20
CA LEU B 15 -0.09 -3.88 5.86
C LEU B 15 1.10 -4.76 5.49
N LYS B 16 0.85 -6.05 5.27
CA LYS B 16 1.91 -6.95 4.81
C LYS B 16 1.54 -7.36 3.40
N ORN C 1 -7.30 8.84 8.00
CA ORN C 1 -6.67 7.58 8.43
CB ORN C 1 -7.77 6.58 8.84
CG ORN C 1 -7.27 5.21 9.34
CD ORN C 1 -7.34 5.08 10.88
NE ORN C 1 -6.18 4.33 11.37
C ORN C 1 -5.79 7.02 7.27
O ORN C 1 -5.79 7.54 6.14
H1 ORN C 1 -6.66 9.48 7.51
H2 ORN C 1 -8.09 8.71 7.36
H3 ORN C 1 -7.68 9.39 8.78
HA ORN C 1 -6.01 7.84 9.25
HB2 ORN C 1 -8.33 7.04 9.67
HB3 ORN C 1 -8.44 6.40 7.99
HG2 ORN C 1 -7.90 4.44 8.89
HG3 ORN C 1 -6.24 5.07 9.00
HD2 ORN C 1 -7.33 6.08 11.33
HD3 ORN C 1 -8.25 4.54 11.15
HE1 ORN C 1 -6.39 3.44 11.82
N LYS C 2 -4.67 6.56 7.84
CA LYS C 2 -3.45 6.84 7.10
C LYS C 2 -2.46 5.69 7.17
N LEU C 3 -1.81 5.38 6.04
CA LEU C 3 -0.74 4.40 6.01
C LEU C 3 0.58 5.13 6.14
N VAL C 4 1.33 4.85 7.20
CA VAL C 4 2.61 5.50 7.38
C VAL C 4 3.70 4.45 7.49
N PHI C 5 4.88 4.82 7.01
CA PHI C 5 6.06 3.96 7.10
CB PHI C 5 6.81 4.18 5.77
CG PHI C 5 8.17 3.46 5.62
CD1 PHI C 5 8.27 2.16 4.97
CD2 PHI C 5 9.28 4.08 6.09
CE1 PHI C 5 9.50 1.56 4.84
CE2 PHI C 5 10.48 3.45 5.93
CZ PHI C 5 10.62 2.19 5.31
I PHI C 5 12.58 1.42 5.16
C PHI C 5 6.88 4.28 8.33
O PHI C 5 7.27 5.48 8.54
H PHI C 5 5.08 5.63 6.59
HA PHI C 5 5.78 3.05 7.15
HB2 PHI C 5 6.27 3.90 5.08
HB3 PHI C 5 6.97 5.12 5.66
HD1 PHI C 5 7.48 1.73 4.64
HD2 PHI C 5 9.22 5.00 6.53
HE1 PHI C 5 9.57 0.66 4.39
HE2 PHI C 5 11.34 3.94 6.28
N PHE C 6 7.14 3.25 9.13
CA PHE C 6 8.04 3.28 10.28
C PHE C 6 9.25 2.38 10.08
N ALA C 7 10.42 2.86 10.54
CA ALA C 7 11.62 2.05 10.53
C ALA C 7 12.44 2.33 11.78
N GLU C 8 12.98 1.25 12.32
CA GLU C 8 13.76 1.31 13.54
C GLU C 8 14.73 0.14 13.54
N ORN C 9 17.72 -3.91 11.33
CA ORN C 9 16.55 -3.12 11.77
CB ORN C 9 16.76 -1.62 11.44
CG ORN C 9 17.70 -0.88 12.38
CD ORN C 9 17.07 -0.61 13.75
NE ORN C 9 16.05 0.43 13.71
C ORN C 9 15.33 -3.64 11.04
O ORN C 9 15.40 -4.53 10.19
H2 ORN C 9 18.03 -3.67 10.39
H ORN C 9 17.53 -4.92 11.31
H3 ORN C 9 18.54 -3.80 11.93
HA ORN C 9 16.43 -3.32 12.84
HB2 ORN C 9 17.13 -1.51 10.40
HB3 ORN C 9 15.77 -1.13 11.54
HG2 ORN C 9 18.61 -1.48 12.52
HG3 ORN C 9 17.98 0.09 11.93
HD2 ORN C 9 17.85 -0.30 14.44
HD3 ORN C 9 16.59 -1.53 14.10
HE1 ORN C 9 16.40 1.38 13.84
N GLU C 10 14.15 -3.05 11.39
CA GLU C 10 12.93 -3.46 10.74
C GLU C 10 12.06 -2.27 10.38
N ALA C 11 11.18 -2.51 9.42
CA ALA C 11 10.32 -1.49 8.86
C ALA C 11 8.90 -2.03 8.86
N PHE C 12 7.95 -1.11 8.87
CA PHE C 12 6.55 -1.47 8.89
C PHE C 12 5.77 -0.42 8.11
C1 MEA C 13 5.42 -1.41 6.23
N MEA C 13 4.74 -0.84 7.35
CA MEA C 13 3.72 0.09 6.94
C MEA C 13 2.58 -0.06 7.98
O MEA C 13 1.88 -1.09 8.03
CB MEA C 13 3.17 -0.12 5.58
CG MEA C 13 3.82 0.79 4.50
CD1 MEA C 13 4.58 0.26 3.45
CE1 MEA C 13 5.16 1.12 2.49
CZ MEA C 13 4.96 2.50 2.58
CE2 MEA C 13 4.20 3.03 3.62
CD2 MEA C 13 3.63 2.19 4.57
HC1 MEA C 13 6.32 -1.74 6.53
HC2 MEA C 13 4.89 -2.16 5.88
HC3 MEA C 13 5.53 -0.71 5.53
HA MEA C 13 4.08 1.01 6.99
HB1 MEA C 13 2.20 0.08 5.60
HB2 MEA C 13 3.28 -1.06 5.32
HD1 MEA C 13 4.72 -0.68 3.39
HE1 MEA C 13 5.69 0.74 1.76
HZ MEA C 13 5.37 3.10 1.90
HE2 MEA C 13 4.06 3.98 3.69
HD2 MEA C 13 3.15 2.77 5.19
N VAL C 14 2.42 0.95 8.82
CA VAL C 14 1.36 0.97 9.82
C VAL C 14 0.16 1.77 9.30
N LEU C 15 -1.03 1.18 9.38
CA LEU C 15 -2.28 1.83 8.97
C LEU C 15 -3.08 2.19 10.21
N LYS C 16 -2.94 3.43 10.68
CA LYS C 16 -3.77 3.94 11.77
C LYS C 16 -4.90 4.83 11.22
N ORN D 1 0.30 7.34 3.08
CA ORN D 1 -0.91 7.67 2.34
CB ORN D 1 -0.85 7.00 0.98
CG ORN D 1 0.12 7.75 0.05
CD ORN D 1 0.51 7.00 -1.22
NE ORN D 1 -0.61 6.28 -1.78
C ORN D 1 -2.19 7.25 3.10
O ORN D 1 -2.22 7.17 4.33
H1 ORN D 1 1.12 7.83 2.74
H2 ORN D 1 0.23 7.58 4.08
H3 ORN D 1 0.54 6.35 3.06
HA ORN D 1 -0.93 8.77 2.26
HB2 ORN D 1 -0.49 5.97 1.11
HB3 ORN D 1 -1.84 7.01 0.51
HG2 ORN D 1 -0.33 8.72 -0.23
HG3 ORN D 1 1.04 7.95 0.61
HD2 ORN D 1 0.86 7.73 -1.96
HD3 ORN D 1 1.30 6.29 -0.98
HE1 ORN D 1 -0.41 5.32 -2.06
N LYS D 2 -3.13 7.84 2.39
CA LYS D 2 -4.42 8.14 2.99
C LYS D 2 -5.51 7.18 2.49
N LEU D 3 -6.39 6.73 3.38
CA LEU D 3 -7.57 5.97 3.01
C LEU D 3 -8.71 6.94 2.69
N VAL D 4 -9.17 6.92 1.44
CA VAL D 4 -10.23 7.81 0.99
C VAL D 4 -11.44 6.98 0.54
N PHI D 5 -12.62 7.60 0.61
CA PHI D 5 -13.87 6.95 0.25
CB PHI D 5 -14.87 6.91 1.45
CG PHI D 5 -14.43 5.85 2.51
CD1 PHI D 5 -13.10 5.86 3.08
CD2 PHI D 5 -15.34 4.90 2.93
CE1 PHI D 5 -12.74 4.90 4.01
CE2 PHI D 5 -14.99 3.95 3.85
CZ PHI D 5 -13.65 3.95 4.43
I PHI D 5 -13.09 2.50 5.87
C PHI D 5 -14.44 7.75 -0.86
O PHI D 5 -14.53 9.03 -0.75
H PHI D 5 -12.75 8.49 0.88
HA PHI D 5 -13.70 6.05 -0.05
HB2 PHI D 5 -14.87 7.74 1.86
HB3 PHI D 5 -15.75 6.72 1.14
HD1 PHI D 5 -12.46 6.52 2.80
HD2 PHI D 5 -16.29 4.90 2.52
HE1 PHI D 5 -11.81 4.91 4.40
HE2 PHI D 5 -15.69 3.23 4.15
N PHE D 6 -14.82 7.10 -1.95
CA PHE D 6 -15.66 7.79 -2.89
C PHE D 6 -16.68 6.88 -3.53
N ALA D 7 -17.69 7.49 -4.12
CA ALA D 7 -18.75 6.76 -4.78
C ALA D 7 -19.55 7.70 -5.67
N GLU D 8 -19.88 7.20 -6.86
CA GLU D 8 -20.95 7.77 -7.66
C GLU D 8 -22.22 7.13 -7.14
N ORN D 9 -25.10 2.30 -5.85
CA ORN D 9 -23.89 2.67 -6.60
CB ORN D 9 -23.70 4.20 -6.60
CG ORN D 9 -24.53 4.92 -7.69
CD ORN D 9 -24.55 6.45 -7.52
NE ORN D 9 -23.31 7.05 -7.98
C ORN D 9 -22.66 1.98 -5.99
O ORN D 9 -22.72 1.40 -4.91
H2 ORN D 9 -25.17 2.78 -4.94
H ORN D 9 -25.15 1.31 -5.63
H3 ORN D 9 -25.96 2.52 -6.34
HA ORN D 9 -24.02 2.26 -7.61
HB2 ORN D 9 -24.01 4.59 -5.62
HB3 ORN D 9 -22.65 4.42 -6.79
HG2 ORN D 9 -24.10 4.67 -8.67
HG3 ORN D 9 -25.56 4.54 -7.65
HD2 ORN D 9 -24.68 6.68 -6.47
HD3 ORN D 9 -25.38 6.85 -8.12
HE1 ORN D 9 -23.30 7.39 -8.93
N GLU D 10 -21.51 2.03 -6.73
CA GLU D 10 -20.28 1.41 -6.27
C GLU D 10 -19.59 2.32 -5.24
N ALA D 11 -19.01 1.69 -4.22
CA ALA D 11 -18.23 2.37 -3.19
C ALA D 11 -16.79 1.88 -3.24
N PHE D 12 -15.86 2.82 -3.23
CA PHE D 12 -14.44 2.50 -3.30
C PHE D 12 -13.73 2.96 -2.02
C1 MEA D 13 -13.04 0.66 -1.47
N MEA D 13 -13.21 2.04 -1.19
CA MEA D 13 -12.33 2.49 -0.12
C MEA D 13 -10.89 2.39 -0.68
O MEA D 13 -10.31 1.29 -0.78
CB MEA D 13 -12.46 1.77 1.14
CG MEA D 13 -13.94 1.55 1.50
CD1 MEA D 13 -14.94 2.45 1.09
CE1 MEA D 13 -16.28 2.24 1.43
CZ MEA D 13 -16.63 1.12 2.19
CE2 MEA D 13 -15.63 0.21 2.59
CD2 MEA D 13 -14.32 0.43 2.26
HC1 MEA D 13 -12.27 0.53 -2.07
HC2 MEA D 13 -13.86 0.31 -1.91
HC3 MEA D 13 -12.89 0.17 -0.62
HA MEA D 13 -12.53 3.45 0.04
HB1 MEA D 13 -12.05 2.32 1.85
HB2 MEA D 13 -12.00 0.90 1.10
HD1 MEA D 13 -14.69 3.23 0.56
HE1 MEA D 13 -16.97 2.86 1.13
HZ MEA D 13 -17.57 0.96 2.43
HE2 MEA D 13 -15.88 -0.56 3.11
HD2 MEA D 13 -13.80 -0.31 2.65
N VAL D 14 -10.33 3.53 -1.02
CA VAL D 14 -9.08 3.62 -1.76
C VAL D 14 -7.90 4.14 -0.93
N LEU D 15 -6.77 3.46 -1.06
CA LEU D 15 -5.48 3.95 -0.61
C LEU D 15 -4.73 4.57 -1.79
N LYS D 16 -3.82 5.49 -1.50
CA LYS D 16 -2.90 5.96 -2.52
C LYS D 16 -1.85 6.86 -1.93
N ORN E 1 7.55 -8.00 -1.93
CA ORN E 1 8.60 -7.25 -2.70
CB ORN E 1 7.98 -6.53 -3.88
CG ORN E 1 7.97 -7.42 -5.11
CD ORN E 1 7.46 -6.75 -6.35
NE ORN E 1 8.23 -5.55 -6.72
C ORN E 1 9.43 -6.23 -1.83
O ORN E 1 9.46 -6.30 -0.61
H1 ORN E 1 7.20 -8.83 -2.41
H2 ORN E 1 7.88 -8.33 -1.01
H3 ORN E 1 6.72 -7.44 -1.73
HA ORN E 1 9.32 -8.01 -3.03
HB2 ORN E 1 6.95 -6.24 -3.63
HB3 ORN E 1 8.58 -5.63 -4.12
HG2 ORN E 1 8.99 -7.77 -5.30
HG3 ORN E 1 7.34 -8.29 -4.90
HD2 ORN E 1 6.42 -6.46 -6.17
HD3 ORN E 1 7.52 -7.46 -7.17
HE1 ORN E 1 7.65 -4.84 -7.17
N LYS E 2 10.51 -6.02 -2.58
CA LYS E 2 11.77 -5.30 -2.45
C LYS E 2 11.55 -3.78 -2.44
N LEU E 3 11.79 -3.13 -1.30
CA LEU E 3 11.58 -1.69 -1.17
C LEU E 3 12.93 -0.98 -1.11
N VAL E 4 13.06 0.10 -1.89
CA VAL E 4 14.21 1.00 -1.79
C VAL E 4 13.70 2.42 -1.59
N PHI E 5 13.98 3.00 -0.43
CA PHI E 5 13.51 4.34 -0.07
CB PHI E 5 12.94 4.34 1.38
CG PHI E 5 11.50 4.91 1.46
CD1 PHI E 5 11.22 6.26 0.97
CD2 PHI E 5 10.50 4.15 2.01
CE1 PHI E 5 9.94 6.75 1.04
CE2 PHI E 5 9.22 4.64 2.10
CZ PHI E 5 8.94 5.97 1.61
I PHI E 5 6.99 6.76 1.73
C PHI E 5 14.62 5.33 -0.12
O PHI E 5 15.66 5.14 0.64
H PHI E 5 14.50 2.63 0.26
HA PHI E 5 12.81 4.62 -0.68
HB2 PHI E 5 12.94 3.47 1.72
HB3 PHI E 5 13.50 4.88 1.93
HD1 PHI E 5 11.91 6.79 0.57
HD2 PHI E 5 10.71 3.20 2.36
HE1 PHI E 5 9.73 7.67 0.71
HE2 PHI E 5 8.46 4.06 2.53
N PHE E 6 14.50 6.36 -0.95
CA PHE E 6 15.55 7.38 -1.05
C PHE E 6 15.14 8.60 -0.27
N ALA E 7 16.08 9.18 0.48
CA ALA E 7 15.80 10.41 1.20
C ALA E 7 17.02 11.30 1.21
N GLU E 8 16.76 12.60 1.09
CA GLU E 8 17.76 13.63 1.20
C GLU E 8 17.09 14.71 2.04
N ORN E 9 12.77 15.62 5.59
CA ORN E 9 13.05 16.13 4.25
CB ORN E 9 14.56 16.37 4.04
CG ORN E 9 15.50 15.29 4.57
CD ORN E 9 16.96 15.73 4.27
NE ORN E 9 17.54 14.80 3.35
C ORN E 9 12.43 15.18 3.15
O ORN E 9 11.61 14.32 3.46
H2 ORN E 9 11.82 15.28 5.70
H ORN E 9 13.37 14.85 5.86
H3 ORN E 9 12.90 16.33 6.32
HA ORN E 9 12.50 17.07 4.19
HB2 ORN E 9 14.75 16.47 2.97
HB3 ORN E 9 14.83 17.29 4.56
HG2 ORN E 9 15.36 15.17 5.65
HG3 ORN E 9 15.29 14.35 4.06
HD2 ORN E 9 17.54 15.73 5.19
HD3 ORN E 9 16.95 16.72 3.80
HE1 ORN E 9 18.27 14.20 3.72
N GLU E 10 12.82 15.43 1.87
CA GLU E 10 12.29 14.70 0.71
C GLU E 10 12.56 13.20 0.73
N ALA E 11 11.53 12.42 0.36
CA ALA E 11 11.62 10.96 0.35
C ALA E 11 10.92 10.43 -0.88
N PHE E 12 11.49 9.39 -1.47
CA PHE E 12 11.03 8.85 -2.73
C PHE E 12 11.29 7.36 -2.72
C1 MEA E 13 9.12 6.87 -3.77
N MEA E 13 10.32 6.54 -3.09
CA MEA E 13 10.58 5.11 -3.04
C MEA E 13 10.39 4.36 -4.37
O MEA E 13 9.63 4.73 -5.29
CB MEA E 13 9.78 4.47 -1.98
CG MEA E 13 8.33 4.10 -2.28
CD1 MEA E 13 8.01 2.98 -3.05
CE1 MEA E 13 6.68 2.66 -3.29
CZ MEA E 13 5.67 3.45 -2.76
CE2 MEA E 13 5.98 4.58 -1.99
CD2 MEA E 13 7.29 4.90 -1.73
HC1 MEA E 13 9.28 6.88 -4.74
HC2 MEA E 13 8.81 7.76 -3.46
HC3 MEA E 13 8.42 6.19 -3.55
HA MEA E 13 11.53 5.01 -2.79
HB1 MEA E 13 9.79 5.07 -1.19
HB2 MEA E 13 10.26 3.64 -1.74
HD1 MEA E 13 8.72 2.43 -3.41
HE1 MEA E 13 6.46 1.88 -3.84
HZ MEA E 13 4.72 3.23 -2.94
HE2 MEA E 13 5.27 5.12 -1.62
HD2 MEA E 13 7.29 5.71 -1.18
N VAL E 14 11.13 3.28 -4.44
CA VAL E 14 11.01 2.32 -5.51
C VAL E 14 10.58 1.03 -4.87
N LEU E 15 9.57 0.38 -5.44
CA LEU E 15 9.11 -0.90 -4.94
C LEU E 15 9.15 -1.89 -6.12
N LYS E 16 9.95 -2.94 -5.97
CA LYS E 16 10.06 -3.98 -7.01
C LYS E 16 9.57 -5.34 -6.51
N ORN F 1 3.73 9.57 -9.98
CA ORN F 1 4.53 8.33 -9.58
CB ORN F 1 4.95 8.44 -8.10
CG ORN F 1 5.53 7.13 -7.45
CD ORN F 1 7.02 7.27 -6.94
NE ORN F 1 7.74 6.05 -7.22
C ORN F 1 3.76 6.99 -9.86
O ORN F 1 2.53 6.93 -9.93
H1 ORN F 1 3.25 9.48 -10.88
H2 ORN F 1 3.00 9.81 -9.31
H3 ORN F 1 4.31 10.41 -10.06
HA ORN F 1 5.39 8.34 -10.24
HB2 ORN F 1 5.73 9.20 -8.04
HB3 ORN F 1 4.08 8.74 -7.51
HG2 ORN F 1 4.90 6.88 -6.59
HG3 ORN F 1 5.47 6.32 -8.18
HD2 ORN F 1 7.02 7.45 -5.86
HD3 ORN F 1 7.50 8.10 -7.47
HE1 ORN F 1 8.08 5.53 -6.42
N LYS F 2 4.57 6.28 -10.63
CA LYS F 2 4.38 5.47 -11.82
C LYS F 2 4.45 3.99 -11.48
N LEU F 3 3.47 3.25 -11.97
CA LEU F 3 3.35 1.82 -11.70
C LEU F 3 3.37 1.06 -13.01
N VAL F 4 4.18 0.02 -13.06
CA VAL F 4 4.14 -0.93 -14.18
C VAL F 4 3.87 -2.33 -13.62
N PHI F 5 2.74 -2.90 -14.02
CA PHI F 5 2.30 -4.22 -13.57
CB PHI F 5 0.80 -4.18 -13.13
CG PHI F 5 0.56 -4.79 -11.74
CD1 PHI F 5 -0.22 -4.06 -10.73
CD2 PHI F 5 1.06 -6.02 -11.45
CE1 PHI F 5 -0.43 -4.61 -9.50
CE2 PHI F 5 0.87 -6.57 -10.21
CZ PHI F 5 0.11 -5.86 -9.22
I PHI F 5 -0.18 -6.74 -7.32
C PHI F 5 2.47 -5.23 -14.67
O PHI F 5 1.74 -5.09 -15.72
H PHI F 5 2.12 -2.53 -14.62
HA PHI F 5 2.84 -4.49 -12.81
HB2 PHI F 5 0.51 -3.30 -13.13
HB3 PHI F 5 0.30 -4.68 -13.77
HD1 PHI F 5 -0.59 -3.19 -10.93
HD2 PHI F 5 1.63 -6.53 -12.16
HE1 PHI F 5 -0.95 -4.11 -8.81
HE2 PHI F 5 1.26 -7.51 -9.98
N PHE F 6 3.36 -6.21 -14.53
CA PHE F 6 3.54 -7.26 -15.55
C PHE F 6 2.70 -8.49 -15.22
N ALA F 7 2.19 -9.20 -16.24
CA ALA F 7 1.45 -10.41 -15.96
C ALA F 7 1.57 -11.38 -17.13
N GLU F 8 1.52 -12.66 -16.80
CA GLU F 8 1.47 -13.69 -17.81
C GLU F 8 0.66 -14.85 -17.29
N ORN F 9 -3.42 -15.57 -13.39
CA ORN F 9 -2.04 -15.53 -13.94
CB ORN F 9 -2.01 -14.76 -15.25
CG ORN F 9 -2.55 -15.58 -16.43
CD ORN F 9 -1.49 -16.03 -17.43
NE ORN F 9 -0.61 -14.97 -17.83
C ORN F 9 -1.04 -14.85 -12.96
O ORN F 9 -1.40 -14.08 -12.08
H2 ORN F 9 -3.90 -14.66 -13.42
H ORN F 9 -3.46 -15.86 -12.41
H3 ORN F 9 -4.03 -16.21 -13.89
HA ORN F 9 -1.74 -16.57 -14.05
HB2 ORN F 9 -2.59 -13.83 -15.17
HB3 ORN F 9 -0.95 -14.54 -15.48
HG2 ORN F 9 -3.05 -16.47 -16.03
HG3 ORN F 9 -3.30 -14.98 -16.96
HD2 ORN F 9 -2.00 -16.40 -18.33
HD3 ORN F 9 -0.90 -16.83 -16.98
HE1 ORN F 9 -0.95 -14.35 -18.56
N GLU F 10 0.29 -15.17 -13.18
CA GLU F 10 1.35 -14.61 -12.35
C GLU F 10 1.52 -13.14 -12.70
N ALA F 11 1.75 -12.33 -11.67
CA ALA F 11 1.86 -10.89 -11.82
C ALA F 11 2.98 -10.37 -10.96
N PHE F 12 3.60 -9.29 -11.41
CA PHE F 12 4.72 -8.66 -10.71
C PHE F 12 4.61 -7.15 -11.00
C1 MEA F 13 5.14 -6.63 -8.66
N MEA F 13 4.78 -6.29 -9.99
CA MEA F 13 4.79 -4.86 -10.30
C MEA F 13 6.11 -4.15 -9.91
O MEA F 13 6.88 -4.60 -9.03
CB MEA F 13 3.65 -4.15 -9.69
CG MEA F 13 3.69 -3.80 -8.18
CD1 MEA F 13 2.88 -4.52 -7.30
CE1 MEA F 13 2.90 -4.22 -5.94
CZ MEA F 13 3.72 -3.18 -5.46
CE2 MEA F 13 4.51 -2.44 -6.35
CD2 MEA F 13 4.49 -2.74 -7.69
HC1 MEA F 13 6.12 -6.66 -8.59
HC2 MEA F 13 4.77 -5.96 -8.05
HC3 MEA F 13 4.76 -7.54 -8.44
HA MEA F 13 4.69 -4.78 -11.28
HB1 MEA F 13 2.83 -4.67 -9.86
HB2 MEA F 13 3.56 -3.30 -10.18
HD1 MEA F 13 2.33 -5.24 -7.63
HE1 MEA F 13 2.34 -4.73 -5.31
HZ MEA F 13 3.72 -2.96 -4.49
HE2 MEA F 13 5.07 -1.73 -6.02
HD2 MEA F 13 5.12 -2.12 -8.13
N VAL F 14 6.37 -3.07 -10.62
CA VAL F 14 7.41 -2.12 -10.27
C VAL F 14 6.76 -0.75 -10.06
N LEU F 15 6.97 -0.18 -8.90
CA LEU F 15 6.40 1.12 -8.52
C LEU F 15 7.54 2.09 -8.26
N LYS F 16 7.56 3.21 -8.97
CA LYS F 16 8.56 4.26 -8.74
C LYS F 16 7.86 5.60 -8.52
#